data_8F15
#
_entry.id   8F15
#
_cell.length_a   50.560
_cell.length_b   50.560
_cell.length_c   199.850
_cell.angle_alpha   90.00
_cell.angle_beta   90.00
_cell.angle_gamma   90.00
#
_symmetry.space_group_name_H-M   'P 43'
#
loop_
_entity.id
_entity.type
_entity.pdbx_description
1 polymer 'E3 ubiquitin-protein ligase CHIP'
2 polymer 'all-D Helicon Polypeptide H202'
3 non-polymer 1,2-ETHANEDIOL
4 non-polymer "N,N'-(1,4-phenylene)diacetamide"
5 water water
#
loop_
_entity_poly.entity_id
_entity_poly.type
_entity_poly.pdbx_seq_one_letter_code
_entity_poly.pdbx_strand_id
1 'polypeptide(L)'
;GASPSAQELKEQGNRLFVGRKYPEAAACYGRAITRNPLVAVYYTNRALCYLKMQQHEQALADCRRALELDGQSVKAHFFL
GQCQLEMESYDEAIANLQRAYSLAKEQRLNFGDDIPSALRIAKKKRWNSIEERR
;
A,B,C
2 'polypeptide(D)'
;(ACE)(DPR)(DTR)(DTR)(DGL)(DCY)(DLE)(DSN)(DGN)(DAL)(DAS)(DAS)(DCY)(DAS)(DPN)(DAR)
(NH2)
;
D,E,F
#
# COMPACT_ATOMS: atom_id res chain seq x y z
N GLY A 1 4.80 26.04 -14.18
CA GLY A 1 5.31 24.81 -13.59
C GLY A 1 5.70 24.89 -12.12
N ALA A 2 4.77 24.49 -11.25
CA ALA A 2 5.07 24.23 -9.84
C ALA A 2 4.41 22.90 -9.49
N SER A 3 5.13 22.03 -8.80
CA SER A 3 4.51 20.84 -8.22
C SER A 3 4.31 21.07 -6.71
N PRO A 4 3.07 21.11 -6.20
CA PRO A 4 2.87 21.46 -4.78
C PRO A 4 3.37 20.38 -3.82
N SER A 5 3.60 20.76 -2.56
CA SER A 5 3.89 19.74 -1.57
C SER A 5 2.60 18.98 -1.19
N ALA A 6 2.78 17.88 -0.46
CA ALA A 6 1.63 17.14 0.05
C ALA A 6 0.76 18.00 0.95
N GLN A 7 1.38 18.76 1.86
CA GLN A 7 0.60 19.62 2.74
C GLN A 7 -0.13 20.70 1.96
N GLU A 8 0.48 21.24 0.91
CA GLU A 8 -0.24 22.21 0.10
C GLU A 8 -1.44 21.58 -0.59
N LEU A 9 -1.29 20.36 -1.12
CA LEU A 9 -2.41 19.68 -1.77
C LEU A 9 -3.50 19.38 -0.74
N LYS A 10 -3.12 19.04 0.47
CA LYS A 10 -4.12 18.82 1.54
C LYS A 10 -4.93 20.07 1.79
N GLU A 11 -4.24 21.22 1.91
CA GLU A 11 -4.93 22.48 2.11
C GLU A 11 -5.81 22.84 0.94
N GLN A 12 -5.32 22.59 -0.30
CA GLN A 12 -6.14 22.77 -1.48
C GLN A 12 -7.38 21.85 -1.43
N GLY A 13 -7.20 20.59 -1.01
CA GLY A 13 -8.34 19.71 -0.93
C GLY A 13 -9.34 20.19 0.11
N ASN A 14 -8.83 20.75 1.21
CA ASN A 14 -9.74 21.32 2.20
C ASN A 14 -10.61 22.41 1.61
N ARG A 15 -10.01 23.34 0.84
CA ARG A 15 -10.82 24.40 0.25
C ARG A 15 -11.85 23.86 -0.73
N LEU A 16 -11.48 22.84 -1.52
CA LEU A 16 -12.42 22.24 -2.46
C LEU A 16 -13.55 21.55 -1.72
N PHE A 17 -13.22 20.89 -0.61
CA PHE A 17 -14.21 20.22 0.22
C PHE A 17 -15.24 21.20 0.77
N VAL A 18 -14.78 22.35 1.28
N VAL A 18 -14.80 22.35 1.27
CA VAL A 18 -15.70 23.33 1.83
CA VAL A 18 -15.77 23.27 1.85
C VAL A 18 -16.62 23.86 0.74
C VAL A 18 -16.57 23.99 0.77
N GLY A 19 -16.10 23.97 -0.48
CA GLY A 19 -16.87 24.32 -1.66
C GLY A 19 -17.79 23.22 -2.16
N ARG A 20 -17.79 22.07 -1.47
CA ARG A 20 -18.58 20.88 -1.84
C ARG A 20 -18.21 20.35 -3.24
N LYS A 21 -16.96 20.58 -3.67
CA LYS A 21 -16.43 19.97 -4.88
C LYS A 21 -15.71 18.68 -4.49
N TYR A 22 -16.48 17.66 -4.17
CA TYR A 22 -15.87 16.47 -3.54
C TYR A 22 -15.04 15.61 -4.51
N PRO A 23 -15.39 15.47 -5.80
CA PRO A 23 -14.47 14.70 -6.67
C PRO A 23 -13.13 15.39 -6.79
N GLU A 24 -13.14 16.72 -6.87
CA GLU A 24 -11.90 17.48 -6.97
C GLU A 24 -11.10 17.42 -5.67
N ALA A 25 -11.78 17.56 -4.53
CA ALA A 25 -11.10 17.43 -3.24
C ALA A 25 -10.48 16.06 -3.08
N ALA A 26 -11.22 15.01 -3.43
CA ALA A 26 -10.71 13.65 -3.37
C ALA A 26 -9.44 13.50 -4.23
N ALA A 27 -9.45 14.08 -5.43
CA ALA A 27 -8.27 13.97 -6.29
C ALA A 27 -7.10 14.70 -5.67
N CYS A 28 -7.33 15.88 -5.07
CA CYS A 28 -6.28 16.61 -4.35
C CYS A 28 -5.68 15.75 -3.23
N TYR A 29 -6.53 15.17 -2.37
CA TYR A 29 -5.98 14.34 -1.29
C TYR A 29 -5.21 13.16 -1.86
N GLY A 30 -5.70 12.58 -2.97
CA GLY A 30 -5.00 11.50 -3.64
C GLY A 30 -3.61 11.92 -4.11
N ARG A 31 -3.47 13.16 -4.55
CA ARG A 31 -2.14 13.61 -4.97
C ARG A 31 -1.24 13.91 -3.78
N ALA A 32 -1.82 14.23 -2.62
CA ALA A 32 -1.01 14.34 -1.41
C ALA A 32 -0.51 12.96 -0.98
N ILE A 33 -1.38 11.95 -1.08
CA ILE A 33 -1.04 10.56 -0.73
C ILE A 33 0.12 10.07 -1.59
N THR A 34 0.09 10.33 -2.90
CA THR A 34 1.20 9.85 -3.73
C THR A 34 2.53 10.46 -3.28
N ARG A 35 2.54 11.73 -2.87
CA ARG A 35 3.77 12.37 -2.41
C ARG A 35 4.21 11.86 -1.04
N ASN A 36 3.30 11.63 -0.11
CA ASN A 36 3.66 11.05 1.19
C ASN A 36 2.58 10.07 1.62
N PRO A 37 2.74 8.80 1.25
CA PRO A 37 1.70 7.78 1.47
C PRO A 37 1.68 7.18 2.86
N LEU A 38 2.52 7.67 3.76
CA LEU A 38 2.58 7.18 5.14
C LEU A 38 1.83 8.08 6.14
N VAL A 39 1.04 9.03 5.65
CA VAL A 39 0.37 10.02 6.47
C VAL A 39 -1.10 9.62 6.58
N ALA A 40 -1.55 9.17 7.76
CA ALA A 40 -2.90 8.60 7.81
C ALA A 40 -3.99 9.64 7.55
N VAL A 41 -3.76 10.90 7.92
CA VAL A 41 -4.83 11.88 7.82
CA VAL A 41 -4.86 11.86 7.81
C VAL A 41 -5.26 12.08 6.37
N TYR A 42 -4.33 11.92 5.39
CA TYR A 42 -4.76 12.16 4.02
C TYR A 42 -5.78 11.15 3.59
N TYR A 43 -5.70 9.93 4.15
CA TYR A 43 -6.62 8.88 3.82
C TYR A 43 -7.99 9.10 4.48
N THR A 44 -8.02 9.59 5.73
CA THR A 44 -9.31 9.91 6.31
C THR A 44 -9.93 11.16 5.69
N ASN A 45 -9.11 12.10 5.21
CA ASN A 45 -9.66 13.20 4.42
C ASN A 45 -10.34 12.67 3.16
N ARG A 46 -9.63 11.82 2.42
CA ARG A 46 -10.23 11.33 1.19
C ARG A 46 -11.45 10.45 1.50
N ALA A 47 -11.38 9.66 2.58
CA ALA A 47 -12.51 8.80 2.90
C ALA A 47 -13.77 9.61 3.11
N LEU A 48 -13.67 10.77 3.79
CA LEU A 48 -14.88 11.57 3.96
C LEU A 48 -15.41 12.09 2.63
N CYS A 49 -14.52 12.46 1.69
CA CYS A 49 -14.98 12.81 0.35
C CYS A 49 -15.78 11.68 -0.26
N TYR A 50 -15.27 10.47 -0.17
CA TYR A 50 -15.99 9.33 -0.76
C TYR A 50 -17.32 9.08 -0.06
N LEU A 51 -17.37 9.25 1.28
CA LEU A 51 -18.65 9.11 1.98
C LEU A 51 -19.68 10.11 1.47
N LYS A 52 -19.26 11.35 1.18
CA LYS A 52 -20.23 12.31 0.67
C LYS A 52 -20.82 11.88 -0.66
N MET A 53 -20.07 11.10 -1.43
CA MET A 53 -20.47 10.65 -2.77
C MET A 53 -21.03 9.22 -2.75
N GLN A 54 -21.26 8.66 -1.56
CA GLN A 54 -21.72 7.29 -1.39
C GLN A 54 -20.84 6.29 -2.15
N GLN A 55 -19.54 6.54 -2.12
CA GLN A 55 -18.56 5.59 -2.69
C GLN A 55 -18.03 4.74 -1.54
N HIS A 56 -18.85 3.77 -1.12
CA HIS A 56 -18.54 3.07 0.12
C HIS A 56 -17.29 2.20 0.00
N GLU A 57 -17.12 1.47 -1.11
CA GLU A 57 -15.97 0.57 -1.17
C GLU A 57 -14.67 1.36 -1.11
N GLN A 58 -14.61 2.51 -1.79
CA GLN A 58 -13.43 3.38 -1.72
C GLN A 58 -13.25 3.97 -0.33
N ALA A 59 -14.33 4.47 0.29
CA ALA A 59 -14.23 4.97 1.65
C ALA A 59 -13.73 3.90 2.60
N LEU A 60 -14.26 2.65 2.49
CA LEU A 60 -13.80 1.57 3.36
C LEU A 60 -12.32 1.34 3.20
N ALA A 61 -11.85 1.30 1.95
CA ALA A 61 -10.43 0.99 1.70
C ALA A 61 -9.53 2.09 2.26
N ASP A 62 -9.97 3.36 2.15
CA ASP A 62 -9.17 4.44 2.70
C ASP A 62 -9.11 4.38 4.21
N CYS A 63 -10.25 4.09 4.87
CA CYS A 63 -10.23 3.99 6.32
C CYS A 63 -9.36 2.84 6.79
N ARG A 64 -9.45 1.68 6.13
CA ARG A 64 -8.60 0.55 6.49
CA ARG A 64 -8.61 0.56 6.52
C ARG A 64 -7.13 0.89 6.33
N ARG A 65 -6.77 1.57 5.24
CA ARG A 65 -5.38 2.00 5.06
C ARG A 65 -4.94 2.99 6.14
N ALA A 66 -5.80 3.95 6.51
CA ALA A 66 -5.46 4.84 7.61
C ALA A 66 -5.17 4.07 8.90
N LEU A 67 -5.90 2.97 9.13
CA LEU A 67 -5.68 2.19 10.35
C LEU A 67 -4.40 1.38 10.30
N GLU A 68 -3.96 1.01 9.08
CA GLU A 68 -2.65 0.35 8.91
C GLU A 68 -1.54 1.29 9.31
N LEU A 69 -1.74 2.58 9.08
CA LEU A 69 -0.77 3.60 9.35
C LEU A 69 -0.85 4.15 10.75
N ASP A 70 -2.03 4.12 11.36
CA ASP A 70 -2.25 4.68 12.70
C ASP A 70 -3.40 3.86 13.30
N GLY A 71 -3.05 2.74 13.97
CA GLY A 71 -4.08 1.87 14.51
C GLY A 71 -4.87 2.46 15.67
N GLN A 72 -4.45 3.61 16.20
CA GLN A 72 -5.09 4.33 17.28
C GLN A 72 -5.91 5.52 16.80
N SER A 73 -6.16 5.65 15.49
CA SER A 73 -6.80 6.86 14.97
C SER A 73 -8.27 6.87 15.35
N VAL A 74 -8.71 7.88 16.11
CA VAL A 74 -10.13 8.07 16.35
C VAL A 74 -10.85 8.28 15.01
N LYS A 75 -10.35 9.20 14.19
CA LYS A 75 -11.07 9.53 12.95
C LYS A 75 -11.24 8.32 12.02
N ALA A 76 -10.18 7.52 11.87
CA ALA A 76 -10.30 6.38 10.98
C ALA A 76 -11.34 5.38 11.51
N HIS A 77 -11.33 5.10 12.81
CA HIS A 77 -12.35 4.19 13.34
C HIS A 77 -13.75 4.80 13.20
N PHE A 78 -13.88 6.11 13.44
CA PHE A 78 -15.20 6.75 13.35
C PHE A 78 -15.73 6.68 11.92
N PHE A 79 -14.92 7.09 10.93
CA PHE A 79 -15.47 7.08 9.58
C PHE A 79 -15.60 5.65 9.03
N LEU A 80 -14.77 4.73 9.50
CA LEU A 80 -14.99 3.33 9.15
C LEU A 80 -16.33 2.86 9.68
N GLY A 81 -16.60 3.17 10.94
CA GLY A 81 -17.90 2.81 11.54
C GLY A 81 -19.06 3.40 10.78
N GLN A 82 -18.96 4.69 10.39
CA GLN A 82 -20.03 5.31 9.61
C GLN A 82 -20.21 4.61 8.28
N CYS A 83 -19.12 4.31 7.60
CA CYS A 83 -19.22 3.63 6.32
C CYS A 83 -19.94 2.31 6.47
N GLN A 84 -19.52 1.53 7.47
CA GLN A 84 -20.13 0.23 7.71
C GLN A 84 -21.60 0.36 8.08
N LEU A 85 -21.94 1.38 8.87
CA LEU A 85 -23.34 1.61 9.17
C LEU A 85 -24.14 1.88 7.90
N GLU A 86 -23.62 2.71 6.99
CA GLU A 86 -24.35 2.97 5.76
C GLU A 86 -24.47 1.72 4.89
N MET A 87 -23.51 0.81 4.96
CA MET A 87 -23.57 -0.47 4.26
C MET A 87 -24.39 -1.53 4.99
N GLU A 88 -24.92 -1.18 6.16
CA GLU A 88 -25.74 -2.05 7.00
C GLU A 88 -24.94 -3.19 7.59
N SER A 89 -23.63 -3.03 7.71
N SER A 89 -23.64 -3.02 7.73
CA SER A 89 -22.79 -3.91 8.51
CA SER A 89 -22.81 -3.94 8.52
C SER A 89 -22.83 -3.41 9.96
C SER A 89 -22.81 -3.46 9.96
N TYR A 90 -23.97 -3.66 10.61
CA TYR A 90 -24.28 -2.97 11.86
C TYR A 90 -23.34 -3.34 12.99
N ASP A 91 -23.01 -4.65 13.13
CA ASP A 91 -22.22 -5.05 14.30
C ASP A 91 -20.79 -4.53 14.22
N GLU A 92 -20.18 -4.63 13.05
CA GLU A 92 -18.87 -4.04 12.82
C GLU A 92 -18.92 -2.53 13.00
N ALA A 93 -19.96 -1.87 12.48
CA ALA A 93 -20.09 -0.42 12.61
C ALA A 93 -20.08 0.00 14.08
N ILE A 94 -20.90 -0.68 14.89
CA ILE A 94 -20.99 -0.32 16.30
C ILE A 94 -19.68 -0.59 17.00
N ALA A 95 -18.99 -1.68 16.64
CA ALA A 95 -17.75 -1.99 17.32
C ALA A 95 -16.68 -0.93 17.02
N ASN A 96 -16.64 -0.44 15.77
CA ASN A 96 -15.65 0.58 15.44
C ASN A 96 -16.00 1.94 16.06
N LEU A 97 -17.30 2.26 16.19
CA LEU A 97 -17.66 3.50 16.87
C LEU A 97 -17.33 3.44 18.36
N GLN A 98 -17.51 2.26 19.00
CA GLN A 98 -17.10 2.08 20.39
C GLN A 98 -15.58 2.23 20.54
N ARG A 99 -14.81 1.69 19.61
CA ARG A 99 -13.36 1.86 19.62
C ARG A 99 -13.00 3.33 19.48
N ALA A 100 -13.68 4.06 18.58
CA ALA A 100 -13.42 5.52 18.48
C ALA A 100 -13.66 6.23 19.81
N TYR A 101 -14.74 5.85 20.49
CA TYR A 101 -15.05 6.43 21.81
C TYR A 101 -13.95 6.14 22.81
N SER A 102 -13.54 4.86 22.90
N SER A 102 -13.53 4.87 22.93
CA SER A 102 -12.50 4.48 23.87
CA SER A 102 -12.51 4.54 23.92
C SER A 102 -11.19 5.18 23.56
C SER A 102 -11.17 5.19 23.57
N LEU A 103 -10.80 5.20 22.29
CA LEU A 103 -9.55 5.88 21.91
C LEU A 103 -9.62 7.37 22.19
N ALA A 104 -10.78 8.00 21.94
CA ALA A 104 -10.84 9.46 22.17
C ALA A 104 -10.67 9.78 23.65
N LYS A 105 -11.24 8.94 24.52
CA LYS A 105 -11.07 9.12 25.96
C LYS A 105 -9.62 8.94 26.36
N GLU A 106 -8.99 7.87 25.85
CA GLU A 106 -7.59 7.62 26.17
C GLU A 106 -6.73 8.78 25.74
N GLN A 107 -7.02 9.34 24.58
CA GLN A 107 -6.20 10.40 24.00
C GLN A 107 -6.59 11.78 24.46
N ARG A 108 -7.61 11.89 25.32
CA ARG A 108 -8.02 13.15 25.94
C ARG A 108 -8.65 14.12 24.94
N LEU A 109 -9.28 13.59 23.88
CA LEU A 109 -9.82 14.41 22.80
C LEU A 109 -11.31 14.62 22.98
N ASN A 110 -11.74 15.88 22.91
CA ASN A 110 -13.14 16.28 23.06
C ASN A 110 -13.81 16.39 21.69
N PHE A 111 -14.77 15.50 21.39
CA PHE A 111 -15.58 15.65 20.19
C PHE A 111 -17.03 15.94 20.53
N GLY A 112 -17.25 16.60 21.66
CA GLY A 112 -18.63 16.91 22.05
C GLY A 112 -19.46 15.64 22.14
N ASP A 113 -20.68 15.71 21.64
CA ASP A 113 -21.53 14.53 21.66
CA ASP A 113 -21.57 14.56 21.63
C ASP A 113 -21.49 13.76 20.33
N ASP A 114 -20.46 13.98 19.51
CA ASP A 114 -20.43 13.31 18.20
C ASP A 114 -20.41 11.79 18.33
N ILE A 115 -19.55 11.25 19.19
CA ILE A 115 -19.38 9.79 19.19
C ILE A 115 -20.57 9.17 19.93
N PRO A 116 -21.04 9.69 21.07
CA PRO A 116 -22.25 9.08 21.68
C PRO A 116 -23.46 9.14 20.78
N SER A 117 -23.61 10.23 20.02
N SER A 117 -23.62 10.24 20.02
CA SER A 117 -24.74 10.35 19.10
CA SER A 117 -24.75 10.34 19.11
C SER A 117 -24.64 9.34 17.97
C SER A 117 -24.64 9.33 17.96
N ALA A 118 -23.44 9.18 17.39
CA ALA A 118 -23.26 8.18 16.33
C ALA A 118 -23.57 6.76 16.86
N LEU A 119 -23.11 6.47 18.07
CA LEU A 119 -23.34 5.16 18.68
C LEU A 119 -24.81 4.92 18.91
N ARG A 120 -25.54 5.92 19.42
CA ARG A 120 -26.96 5.72 19.67
CA ARG A 120 -26.97 5.78 19.67
C ARG A 120 -27.73 5.52 18.39
N ILE A 121 -27.40 6.30 17.35
CA ILE A 121 -28.05 6.12 16.05
C ILE A 121 -27.73 4.76 15.46
N ALA A 122 -26.45 4.33 15.54
CA ALA A 122 -26.08 3.03 14.98
C ALA A 122 -26.86 1.91 15.64
N LYS A 123 -26.99 1.96 16.97
CA LYS A 123 -27.74 0.93 17.71
C LYS A 123 -29.21 0.94 17.34
N LYS A 124 -29.79 2.13 17.21
CA LYS A 124 -31.22 2.22 16.88
C LYS A 124 -31.48 1.72 15.46
N LYS A 125 -30.61 2.08 14.51
CA LYS A 125 -30.83 1.59 13.14
C LYS A 125 -30.64 0.09 13.04
N ARG A 126 -29.66 -0.46 13.77
CA ARG A 126 -29.49 -1.91 13.85
C ARG A 126 -30.77 -2.55 14.34
N TRP A 127 -31.31 -2.06 15.46
CA TRP A 127 -32.49 -2.71 16.05
C TRP A 127 -33.69 -2.59 15.13
N ASN A 128 -33.87 -1.41 14.52
CA ASN A 128 -34.94 -1.23 13.53
C ASN A 128 -34.77 -2.19 12.37
N SER A 129 -33.53 -2.40 11.90
CA SER A 129 -33.25 -3.37 10.84
C SER A 129 -33.81 -4.74 11.19
N ILE A 130 -33.64 -5.13 12.45
CA ILE A 130 -34.04 -6.45 12.91
C ILE A 130 -35.54 -6.50 13.18
N GLU A 131 -36.09 -5.52 13.89
CA GLU A 131 -37.52 -5.48 14.21
C GLU A 131 -38.39 -5.54 12.95
N GLU A 132 -37.82 -5.31 11.76
CA GLU A 132 -38.56 -5.38 10.49
C GLU A 132 -38.25 -6.65 9.70
N ARG A 133 -37.01 -6.78 9.23
CA ARG A 133 -36.56 -7.91 8.39
C ARG A 133 -36.92 -9.28 8.95
N GLY B 1 -13.32 -24.42 -5.72
CA GLY B 1 -12.66 -23.17 -6.04
C GLY B 1 -13.58 -22.30 -6.87
N ALA B 2 -13.03 -21.22 -7.41
CA ALA B 2 -13.79 -20.34 -8.29
C ALA B 2 -12.85 -19.85 -9.38
N SER B 3 -13.36 -19.67 -10.60
CA SER B 3 -12.58 -19.04 -11.65
C SER B 3 -13.15 -17.65 -11.89
N PRO B 4 -12.39 -16.57 -11.64
CA PRO B 4 -12.94 -15.23 -11.88
C PRO B 4 -13.01 -14.89 -13.36
N SER B 5 -13.91 -13.95 -13.65
CA SER B 5 -14.02 -13.29 -14.94
C SER B 5 -12.85 -12.34 -15.15
N ALA B 6 -12.56 -12.03 -16.42
CA ALA B 6 -11.53 -11.04 -16.71
C ALA B 6 -11.82 -9.71 -16.02
N GLN B 7 -13.08 -9.25 -16.02
CA GLN B 7 -13.40 -8.00 -15.33
C GLN B 7 -13.10 -8.08 -13.84
N GLU B 8 -13.41 -9.23 -13.23
CA GLU B 8 -13.10 -9.38 -11.81
C GLU B 8 -11.60 -9.31 -11.55
N LEU B 9 -10.81 -9.94 -12.41
CA LEU B 9 -9.36 -9.93 -12.28
C LEU B 9 -8.79 -8.53 -12.50
N LYS B 10 -9.37 -7.78 -13.44
CA LYS B 10 -9.00 -6.35 -13.58
C LYS B 10 -9.26 -5.58 -12.29
N GLU B 11 -10.44 -5.73 -11.69
CA GLU B 11 -10.67 -5.00 -10.45
C GLU B 11 -9.75 -5.48 -9.33
N GLN B 12 -9.47 -6.79 -9.29
CA GLN B 12 -8.54 -7.30 -8.29
C GLN B 12 -7.15 -6.70 -8.49
N GLY B 13 -6.72 -6.62 -9.75
CA GLY B 13 -5.42 -6.03 -10.04
C GLY B 13 -5.37 -4.56 -9.67
N ASN B 14 -6.49 -3.83 -9.90
CA ASN B 14 -6.55 -2.44 -9.43
C ASN B 14 -6.33 -2.33 -7.93
N ARG B 15 -6.99 -3.20 -7.15
CA ARG B 15 -6.82 -3.18 -5.70
C ARG B 15 -5.39 -3.48 -5.28
N LEU B 16 -4.78 -4.49 -5.91
CA LEU B 16 -3.36 -4.78 -5.68
C LEU B 16 -2.48 -3.59 -6.01
N PHE B 17 -2.71 -2.94 -7.14
CA PHE B 17 -1.81 -1.86 -7.52
C PHE B 17 -1.84 -0.75 -6.50
N VAL B 18 -3.04 -0.43 -6.00
CA VAL B 18 -3.24 0.61 -5.00
CA VAL B 18 -3.21 0.62 -5.01
C VAL B 18 -2.43 0.31 -3.73
N GLY B 19 -2.33 -0.97 -3.36
CA GLY B 19 -1.42 -1.38 -2.30
C GLY B 19 0.04 -1.48 -2.72
N ARG B 20 0.41 -0.98 -3.91
N ARG B 20 0.40 -0.99 -3.90
CA ARG B 20 1.76 -1.08 -4.48
CA ARG B 20 1.75 -1.09 -4.47
C ARG B 20 2.22 -2.52 -4.62
C ARG B 20 2.22 -2.53 -4.55
N LYS B 21 1.28 -3.45 -4.71
CA LYS B 21 1.60 -4.86 -4.92
C LYS B 21 1.77 -5.10 -6.41
N TYR B 22 2.85 -4.51 -6.96
CA TYR B 22 2.98 -4.39 -8.41
C TYR B 22 3.11 -5.76 -9.08
N PRO B 23 3.98 -6.69 -8.63
CA PRO B 23 4.02 -7.99 -9.31
C PRO B 23 2.71 -8.75 -9.26
N GLU B 24 2.05 -8.77 -8.10
CA GLU B 24 0.73 -9.41 -7.96
C GLU B 24 -0.27 -8.78 -8.92
N ALA B 25 -0.31 -7.45 -8.99
CA ALA B 25 -1.25 -6.79 -9.89
C ALA B 25 -0.95 -7.15 -11.35
N ALA B 26 0.33 -7.18 -11.72
CA ALA B 26 0.69 -7.53 -13.10
C ALA B 26 0.22 -8.93 -13.43
N ALA B 27 0.39 -9.85 -12.48
CA ALA B 27 -0.03 -11.24 -12.71
C ALA B 27 -1.55 -11.29 -12.92
N CYS B 28 -2.29 -10.52 -12.13
CA CYS B 28 -3.74 -10.47 -12.22
C CYS B 28 -4.19 -9.93 -13.56
N TYR B 29 -3.60 -8.81 -13.98
CA TYR B 29 -3.93 -8.32 -15.30
C TYR B 29 -3.56 -9.32 -16.38
N GLY B 30 -2.45 -10.04 -16.22
CA GLY B 30 -2.11 -11.03 -17.22
C GLY B 30 -3.14 -12.15 -17.28
N ARG B 31 -3.74 -12.50 -16.13
CA ARG B 31 -4.80 -13.52 -16.12
C ARG B 31 -6.09 -12.98 -16.72
N ALA B 32 -6.32 -11.69 -16.59
CA ALA B 32 -7.43 -11.09 -17.31
C ALA B 32 -7.16 -11.11 -18.80
N ILE B 33 -5.92 -10.85 -19.22
CA ILE B 33 -5.59 -10.83 -20.63
C ILE B 33 -5.77 -12.21 -21.25
N THR B 34 -5.37 -13.25 -20.55
CA THR B 34 -5.54 -14.58 -21.14
C THR B 34 -7.01 -14.91 -21.35
N ARG B 35 -7.86 -14.40 -20.49
CA ARG B 35 -9.27 -14.63 -20.62
C ARG B 35 -9.84 -13.84 -21.79
N ASN B 36 -9.16 -12.77 -22.21
CA ASN B 36 -9.65 -11.92 -23.29
C ASN B 36 -8.55 -10.96 -23.71
N PRO B 37 -7.78 -11.30 -24.76
CA PRO B 37 -6.63 -10.49 -25.14
C PRO B 37 -6.98 -9.28 -25.99
N LEU B 38 -8.26 -8.96 -26.14
CA LEU B 38 -8.69 -7.89 -27.04
C LEU B 38 -9.24 -6.68 -26.28
N VAL B 39 -8.84 -6.49 -25.03
CA VAL B 39 -9.31 -5.35 -24.24
C VAL B 39 -8.11 -4.48 -23.96
N ALA B 40 -8.09 -3.25 -24.49
CA ALA B 40 -6.86 -2.47 -24.45
C ALA B 40 -6.48 -2.07 -23.03
N VAL B 41 -7.44 -1.80 -22.17
CA VAL B 41 -7.13 -1.28 -20.85
C VAL B 41 -6.35 -2.28 -20.03
N TYR B 42 -6.58 -3.59 -20.24
CA TYR B 42 -5.78 -4.55 -19.48
C TYR B 42 -4.30 -4.35 -19.74
N TYR B 43 -3.96 -4.02 -20.98
CA TYR B 43 -2.57 -3.85 -21.36
C TYR B 43 -1.97 -2.57 -20.79
N THR B 44 -2.72 -1.47 -20.82
CA THR B 44 -2.18 -0.25 -20.20
C THR B 44 -2.12 -0.39 -18.70
N ASN B 45 -3.06 -1.14 -18.08
CA ASN B 45 -2.94 -1.40 -16.65
C ASN B 45 -1.67 -2.18 -16.35
N ARG B 46 -1.41 -3.25 -17.11
CA ARG B 46 -0.22 -4.05 -16.81
C ARG B 46 1.05 -3.28 -17.16
N ALA B 47 0.98 -2.44 -18.17
CA ALA B 47 2.17 -1.68 -18.54
C ALA B 47 2.59 -0.74 -17.43
N LEU B 48 1.62 -0.11 -16.77
CA LEU B 48 1.99 0.76 -15.66
C LEU B 48 2.61 -0.06 -14.53
N CYS B 49 2.12 -1.30 -14.28
CA CYS B 49 2.83 -2.16 -13.32
C CYS B 49 4.30 -2.37 -13.73
N TYR B 50 4.52 -2.65 -15.01
CA TYR B 50 5.89 -2.95 -15.46
C TYR B 50 6.75 -1.69 -15.36
N LEU B 51 6.17 -0.51 -15.66
CA LEU B 51 6.88 0.75 -15.46
C LEU B 51 7.34 0.91 -14.02
N LYS B 52 6.46 0.59 -13.06
CA LYS B 52 6.80 0.69 -11.64
C LYS B 52 7.96 -0.22 -11.31
N MET B 53 8.00 -1.41 -11.88
CA MET B 53 9.02 -2.39 -11.55
C MET B 53 10.25 -2.23 -12.41
N GLN B 54 10.28 -1.17 -13.21
CA GLN B 54 11.41 -0.82 -14.08
C GLN B 54 11.69 -1.91 -15.11
N GLN B 55 10.63 -2.57 -15.58
CA GLN B 55 10.71 -3.58 -16.63
C GLN B 55 10.26 -2.96 -17.94
N HIS B 56 11.21 -2.26 -18.59
CA HIS B 56 10.82 -1.37 -19.67
C HIS B 56 10.46 -2.12 -20.93
N GLU B 57 11.22 -3.14 -21.27
CA GLU B 57 10.91 -3.90 -22.48
C GLU B 57 9.52 -4.51 -22.40
N GLN B 58 9.12 -4.87 -21.19
N GLN B 58 9.10 -4.88 -21.19
CA GLN B 58 7.81 -5.47 -20.98
CA GLN B 58 7.79 -5.48 -21.02
C GLN B 58 6.70 -4.43 -21.08
C GLN B 58 6.68 -4.43 -21.08
N ALA B 59 6.93 -3.36 -20.55
CA ALA B 59 5.98 -2.24 -20.58
C ALA B 59 5.78 -1.73 -22.00
N LEU B 60 6.88 -1.65 -22.76
CA LEU B 60 6.80 -1.19 -24.13
C LEU B 60 5.91 -2.13 -24.94
N ALA B 61 6.12 -3.42 -24.76
CA ALA B 61 5.34 -4.41 -25.46
C ALA B 61 3.85 -4.29 -25.17
N ASP B 62 3.49 -4.06 -23.92
CA ASP B 62 2.09 -3.97 -23.56
C ASP B 62 1.45 -2.70 -24.12
N CYS B 63 2.18 -1.58 -24.10
CA CYS B 63 1.60 -0.37 -24.71
C CYS B 63 1.36 -0.55 -26.19
N ARG B 64 2.31 -1.18 -26.90
CA ARG B 64 2.11 -1.50 -28.31
C ARG B 64 0.89 -2.39 -28.54
N ARG B 65 0.71 -3.44 -27.73
CA ARG B 65 -0.51 -4.24 -27.88
C ARG B 65 -1.78 -3.42 -27.65
N ALA B 66 -1.77 -2.51 -26.66
CA ALA B 66 -2.95 -1.68 -26.49
C ALA B 66 -3.21 -0.82 -27.73
N LEU B 67 -2.14 -0.30 -28.32
CA LEU B 67 -2.30 0.53 -29.52
C LEU B 67 -2.75 -0.27 -30.74
N GLU B 68 -2.44 -1.58 -30.79
CA GLU B 68 -2.96 -2.43 -31.86
C GLU B 68 -4.47 -2.58 -31.74
N LEU B 69 -5.00 -2.50 -30.52
CA LEU B 69 -6.43 -2.59 -30.27
C LEU B 69 -7.13 -1.25 -30.30
N ASP B 70 -6.45 -0.17 -29.93
CA ASP B 70 -7.11 1.14 -29.85
C ASP B 70 -6.09 2.19 -30.30
N GLY B 71 -6.08 2.48 -31.60
CA GLY B 71 -5.14 3.46 -32.10
C GLY B 71 -5.33 4.87 -31.55
N GLN B 72 -6.50 5.17 -30.98
CA GLN B 72 -6.84 6.49 -30.46
C GLN B 72 -6.60 6.64 -28.97
N SER B 73 -5.96 5.66 -28.34
CA SER B 73 -5.82 5.66 -26.89
C SER B 73 -4.84 6.71 -26.40
N VAL B 74 -5.35 7.67 -25.63
CA VAL B 74 -4.49 8.63 -24.92
C VAL B 74 -3.58 7.88 -23.96
N LYS B 75 -4.16 6.98 -23.16
CA LYS B 75 -3.37 6.35 -22.11
C LYS B 75 -2.23 5.54 -22.67
N ALA B 76 -2.50 4.80 -23.76
CA ALA B 76 -1.48 3.92 -24.31
C ALA B 76 -0.36 4.73 -24.94
N HIS B 77 -0.70 5.88 -25.54
CA HIS B 77 0.34 6.77 -26.10
C HIS B 77 1.14 7.41 -24.99
N PHE B 78 0.47 7.81 -23.91
CA PHE B 78 1.16 8.45 -22.80
C PHE B 78 2.16 7.51 -22.16
N PHE B 79 1.70 6.30 -21.77
CA PHE B 79 2.64 5.43 -21.05
C PHE B 79 3.72 4.91 -21.96
N LEU B 80 3.42 4.75 -23.24
CA LEU B 80 4.44 4.41 -24.23
C LEU B 80 5.51 5.49 -24.27
N GLY B 81 5.07 6.74 -24.32
CA GLY B 81 6.01 7.86 -24.27
C GLY B 81 6.82 7.90 -22.98
N GLN B 82 6.17 7.68 -21.82
CA GLN B 82 6.96 7.63 -20.60
C GLN B 82 8.02 6.53 -20.66
N CYS B 83 7.62 5.35 -21.10
CA CYS B 83 8.55 4.23 -21.20
C CYS B 83 9.75 4.60 -22.07
N GLN B 84 9.46 5.11 -23.27
CA GLN B 84 10.52 5.48 -24.21
C GLN B 84 11.41 6.55 -23.62
N LEU B 85 10.83 7.48 -22.85
CA LEU B 85 11.63 8.54 -22.24
C LEU B 85 12.59 7.95 -21.23
N GLU B 86 12.12 6.99 -20.42
CA GLU B 86 12.99 6.38 -19.44
C GLU B 86 14.07 5.53 -20.10
N MET B 87 13.83 5.04 -21.29
CA MET B 87 14.85 4.31 -22.04
C MET B 87 15.78 5.24 -22.81
N GLU B 88 15.54 6.54 -22.69
CA GLU B 88 16.30 7.60 -23.36
C GLU B 88 16.07 7.62 -24.87
N SER B 89 14.91 7.14 -25.31
CA SER B 89 14.54 7.20 -26.71
C SER B 89 13.71 8.47 -26.93
N TYR B 90 14.41 9.59 -26.99
CA TYR B 90 13.77 10.88 -26.72
C TYR B 90 12.79 11.30 -27.83
N ASP B 91 13.15 11.10 -29.11
CA ASP B 91 12.27 11.55 -30.18
C ASP B 91 10.99 10.73 -30.24
N GLU B 92 11.10 9.40 -30.10
CA GLU B 92 9.89 8.60 -30.04
C GLU B 92 9.04 9.01 -28.85
N ALA B 93 9.67 9.21 -27.69
CA ALA B 93 8.91 9.58 -26.50
C ALA B 93 8.09 10.83 -26.76
N ILE B 94 8.73 11.84 -27.34
CA ILE B 94 8.05 13.12 -27.48
C ILE B 94 6.92 13.00 -28.47
N ALA B 95 7.13 12.21 -29.53
CA ALA B 95 6.10 12.09 -30.53
C ALA B 95 4.89 11.41 -29.93
N ASN B 96 5.12 10.39 -29.09
CA ASN B 96 3.98 9.71 -28.49
C ASN B 96 3.29 10.55 -27.42
N LEU B 97 4.05 11.31 -26.63
CA LEU B 97 3.42 12.22 -25.68
C LEU B 97 2.60 13.29 -26.42
N GLN B 98 3.13 13.81 -27.53
CA GLN B 98 2.37 14.80 -28.29
C GLN B 98 1.13 14.19 -28.93
N ARG B 99 1.20 12.94 -29.34
CA ARG B 99 -0.01 12.26 -29.82
C ARG B 99 -1.03 12.08 -28.70
N ALA B 100 -0.59 11.71 -27.49
CA ALA B 100 -1.50 11.68 -26.35
C ALA B 100 -2.17 13.03 -26.15
N TYR B 101 -1.37 14.10 -26.16
CA TYR B 101 -1.89 15.47 -26.03
C TYR B 101 -2.95 15.78 -27.08
N SER B 102 -2.61 15.58 -28.36
CA SER B 102 -3.54 15.82 -29.46
CA SER B 102 -3.55 15.84 -29.45
C SER B 102 -4.82 15.00 -29.32
N LEU B 103 -4.66 13.71 -29.00
CA LEU B 103 -5.85 12.89 -28.84
C LEU B 103 -6.72 13.37 -27.69
N ALA B 104 -6.12 13.74 -26.56
CA ALA B 104 -6.90 14.20 -25.42
C ALA B 104 -7.71 15.44 -25.79
N LYS B 105 -7.14 16.33 -26.60
CA LYS B 105 -7.89 17.52 -27.00
C LYS B 105 -9.04 17.15 -27.94
N GLU B 106 -8.77 16.29 -28.93
CA GLU B 106 -9.81 15.80 -29.84
C GLU B 106 -10.95 15.13 -29.09
N GLN B 107 -10.64 14.40 -28.02
CA GLN B 107 -11.64 13.63 -27.31
C GLN B 107 -12.23 14.40 -26.13
N ARG B 108 -11.78 15.65 -25.92
CA ARG B 108 -12.30 16.55 -24.91
C ARG B 108 -12.10 16.00 -23.50
N LEU B 109 -11.01 15.28 -23.30
CA LEU B 109 -10.65 14.79 -21.98
C LEU B 109 -9.88 15.86 -21.24
N ASN B 110 -9.94 15.82 -19.93
CA ASN B 110 -9.22 16.77 -19.10
C ASN B 110 -8.36 15.94 -18.16
N PHE B 111 -7.04 16.00 -18.38
CA PHE B 111 -6.06 15.37 -17.51
C PHE B 111 -5.27 16.42 -16.75
N GLY B 112 -5.87 17.58 -16.49
CA GLY B 112 -5.13 18.64 -15.84
C GLY B 112 -3.90 19.04 -16.64
N ASP B 113 -2.79 19.29 -15.93
CA ASP B 113 -1.54 19.61 -16.61
C ASP B 113 -0.67 18.36 -16.80
N ASP B 114 -1.24 17.16 -16.70
CA ASP B 114 -0.40 15.94 -16.82
C ASP B 114 0.37 15.89 -18.13
N ILE B 115 -0.30 16.07 -19.27
CA ILE B 115 0.41 15.82 -20.53
C ILE B 115 1.35 16.99 -20.85
N PRO B 116 0.93 18.27 -20.74
CA PRO B 116 1.92 19.34 -20.92
C PRO B 116 3.14 19.20 -20.02
N SER B 117 2.95 18.78 -18.78
CA SER B 117 4.07 18.59 -17.88
C SER B 117 5.01 17.54 -18.44
N ALA B 118 4.44 16.39 -18.79
CA ALA B 118 5.23 15.30 -19.36
C ALA B 118 6.01 15.75 -20.59
N LEU B 119 5.33 16.48 -21.47
CA LEU B 119 5.94 16.99 -22.68
C LEU B 119 7.11 17.91 -22.36
N ARG B 120 6.89 18.86 -21.45
CA ARG B 120 7.94 19.80 -21.06
C ARG B 120 9.15 19.06 -20.52
N ILE B 121 8.90 18.06 -19.70
CA ILE B 121 9.99 17.31 -19.09
C ILE B 121 10.75 16.51 -20.13
N ALA B 122 10.01 15.85 -21.05
CA ALA B 122 10.66 15.05 -22.06
C ALA B 122 11.51 15.92 -22.99
N LYS B 123 11.01 17.10 -23.37
CA LYS B 123 11.80 17.95 -24.28
C LYS B 123 12.99 18.55 -23.54
N LYS B 124 12.83 18.89 -22.27
CA LYS B 124 13.95 19.43 -21.50
C LYS B 124 15.03 18.36 -21.32
N LYS B 125 14.63 17.14 -20.94
CA LYS B 125 15.63 16.06 -20.85
C LYS B 125 16.30 15.77 -22.20
N ARG B 126 15.56 15.85 -23.28
CA ARG B 126 16.16 15.60 -24.58
C ARG B 126 17.23 16.65 -24.89
N TRP B 127 16.90 17.91 -24.66
CA TRP B 127 17.85 18.99 -24.93
C TRP B 127 19.05 18.92 -23.99
N ASN B 128 18.81 18.65 -22.72
CA ASN B 128 19.89 18.55 -21.77
C ASN B 128 20.82 17.43 -22.20
N SER B 129 20.24 16.35 -22.72
CA SER B 129 21.01 15.20 -23.18
C SER B 129 22.02 15.59 -24.25
N ILE B 130 21.64 16.50 -25.14
CA ILE B 130 22.52 16.99 -26.19
C ILE B 130 23.45 18.10 -25.68
N GLU B 131 22.93 19.07 -24.94
CA GLU B 131 23.74 20.18 -24.47
C GLU B 131 24.95 19.71 -23.66
N GLU B 132 24.92 18.49 -23.11
CA GLU B 132 25.98 18.00 -22.22
C GLU B 132 27.01 17.10 -22.90
N GLY C 1 -4.21 -31.07 33.57
CA GLY C 1 -4.13 -30.20 32.41
C GLY C 1 -3.83 -30.90 31.09
N ALA C 2 -3.48 -30.07 30.11
CA ALA C 2 -3.18 -30.45 28.74
C ALA C 2 -2.03 -29.58 28.26
N SER C 3 -1.09 -30.17 27.53
N SER C 3 -1.09 -30.17 27.52
CA SER C 3 0.01 -29.40 26.95
CA SER C 3 0.02 -29.41 26.94
C SER C 3 -0.28 -29.12 25.49
C SER C 3 -0.30 -29.12 25.48
N PRO C 4 -0.26 -27.86 25.05
CA PRO C 4 -0.64 -27.57 23.66
C PRO C 4 0.45 -28.01 22.70
N SER C 5 0.06 -28.27 21.45
CA SER C 5 1.07 -28.56 20.42
C SER C 5 1.79 -27.26 20.02
N ALA C 6 2.93 -27.43 19.35
CA ALA C 6 3.63 -26.26 18.82
C ALA C 6 2.73 -25.41 17.93
N GLN C 7 1.96 -26.05 17.04
CA GLN C 7 1.05 -25.30 16.18
C GLN C 7 0.00 -24.54 16.99
N GLU C 8 -0.54 -25.15 18.07
CA GLU C 8 -1.48 -24.42 18.89
C GLU C 8 -0.82 -23.21 19.56
N LEU C 9 0.42 -23.37 20.06
CA LEU C 9 1.10 -22.24 20.68
C LEU C 9 1.40 -21.13 19.67
N LYS C 10 1.72 -21.51 18.45
CA LYS C 10 1.95 -20.48 17.43
C LYS C 10 0.67 -19.72 17.16
N GLU C 11 -0.47 -20.43 17.11
CA GLU C 11 -1.72 -19.71 16.87
C GLU C 11 -2.07 -18.81 18.04
N GLN C 12 -1.81 -19.27 19.26
CA GLN C 12 -2.02 -18.46 20.44
C GLN C 12 -1.13 -17.20 20.40
N GLY C 13 0.13 -17.37 20.00
CA GLY C 13 0.99 -16.21 19.83
C GLY C 13 0.46 -15.24 18.80
N ASN C 14 -0.10 -15.76 17.70
CA ASN C 14 -0.67 -14.92 16.64
C ASN C 14 -1.75 -14.01 17.21
N ARG C 15 -2.66 -14.58 18.01
CA ARG C 15 -3.75 -13.79 18.57
C ARG C 15 -3.24 -12.70 19.49
N LEU C 16 -2.21 -12.99 20.28
CA LEU C 16 -1.63 -11.98 21.16
C LEU C 16 -0.93 -10.91 20.36
N PHE C 17 -0.22 -11.31 19.29
CA PHE C 17 0.46 -10.33 18.46
C PHE C 17 -0.52 -9.29 17.89
N VAL C 18 -1.62 -9.75 17.26
CA VAL C 18 -2.63 -8.86 16.71
C VAL C 18 -3.20 -7.94 17.79
N GLY C 19 -3.22 -8.41 19.04
CA GLY C 19 -3.62 -7.54 20.13
C GLY C 19 -2.52 -6.70 20.71
N ARG C 20 -1.36 -6.61 20.05
CA ARG C 20 -0.24 -5.75 20.43
C ARG C 20 0.31 -6.12 21.81
N LYS C 21 0.16 -7.37 22.18
CA LYS C 21 0.76 -7.92 23.41
C LYS C 21 2.02 -8.68 23.01
N TYR C 22 3.07 -7.92 22.74
CA TYR C 22 4.28 -8.52 22.15
C TYR C 22 5.11 -9.39 23.10
N PRO C 23 5.38 -8.97 24.34
CA PRO C 23 6.06 -9.92 25.26
C PRO C 23 5.27 -11.20 25.50
N GLU C 24 3.94 -11.12 25.56
CA GLU C 24 3.16 -12.35 25.75
C GLU C 24 3.19 -13.23 24.49
N ALA C 25 3.13 -12.63 23.31
CA ALA C 25 3.22 -13.41 22.09
C ALA C 25 4.58 -14.11 21.98
N ALA C 26 5.67 -13.35 22.25
CA ALA C 26 7.01 -13.91 22.17
C ALA C 26 7.15 -15.12 23.07
N ALA C 27 6.50 -15.09 24.26
CA ALA C 27 6.58 -16.26 25.13
C ALA C 27 5.90 -17.49 24.52
N CYS C 28 4.74 -17.29 23.88
CA CYS C 28 4.03 -18.37 23.19
C CYS C 28 4.88 -18.94 22.06
N TYR C 29 5.43 -18.06 21.22
CA TYR C 29 6.34 -18.57 20.19
C TYR C 29 7.53 -19.28 20.80
N GLY C 30 8.07 -18.78 21.91
CA GLY C 30 9.15 -19.51 22.58
C GLY C 30 8.76 -20.90 23.03
N ARG C 31 7.54 -21.04 23.56
CA ARG C 31 7.09 -22.39 23.91
C ARG C 31 6.90 -23.28 22.68
N ALA C 32 6.55 -22.71 21.53
CA ALA C 32 6.45 -23.52 20.32
C ALA C 32 7.81 -24.04 19.91
N ILE C 33 8.82 -23.17 20.00
CA ILE C 33 10.21 -23.56 19.70
C ILE C 33 10.65 -24.73 20.59
N THR C 34 10.39 -24.64 21.90
CA THR C 34 10.80 -25.77 22.74
C THR C 34 10.15 -27.06 22.28
N ARG C 35 8.89 -26.98 21.86
CA ARG C 35 8.19 -28.20 21.48
C ARG C 35 8.65 -28.71 20.13
N ASN C 36 8.90 -27.83 19.17
CA ASN C 36 9.50 -28.24 17.91
C ASN C 36 10.55 -27.24 17.49
N PRO C 37 11.83 -27.51 17.79
CA PRO C 37 12.85 -26.48 17.61
C PRO C 37 13.44 -26.46 16.22
N LEU C 38 12.89 -27.26 15.30
CA LEU C 38 13.48 -27.35 13.96
C LEU C 38 12.64 -26.61 12.95
N VAL C 39 11.75 -25.74 13.40
CA VAL C 39 10.84 -24.99 12.53
C VAL C 39 11.30 -23.53 12.49
N ALA C 40 11.86 -23.12 11.35
CA ALA C 40 12.40 -21.78 11.22
C ALA C 40 11.34 -20.71 11.50
N VAL C 41 10.09 -20.94 11.06
CA VAL C 41 9.06 -19.90 11.17
CA VAL C 41 9.08 -19.90 11.17
C VAL C 41 8.88 -19.45 12.62
N TYR C 42 8.98 -20.38 13.60
CA TYR C 42 8.70 -19.94 14.96
C TYR C 42 9.74 -18.94 15.43
N TYR C 43 10.97 -19.09 14.93
CA TYR C 43 12.03 -18.15 15.27
C TYR C 43 11.80 -16.77 14.63
N THR C 44 11.35 -16.70 13.37
CA THR C 44 11.05 -15.38 12.82
C THR C 44 9.81 -14.75 13.46
N ASN C 45 8.86 -15.59 13.90
CA ASN C 45 7.72 -15.07 14.68
C ASN C 45 8.19 -14.39 15.96
N ARG C 46 8.99 -15.09 16.75
CA ARG C 46 9.49 -14.48 17.96
C ARG C 46 10.35 -13.24 17.67
N ALA C 47 11.18 -13.32 16.64
CA ALA C 47 12.04 -12.18 16.29
C ALA C 47 11.23 -10.92 16.04
N LEU C 48 10.10 -11.03 15.34
CA LEU C 48 9.33 -9.83 15.04
C LEU C 48 8.76 -9.25 16.32
N CYS C 49 8.34 -10.11 17.26
CA CYS C 49 7.96 -9.64 18.57
C CYS C 49 9.05 -8.80 19.21
N TYR C 50 10.28 -9.33 19.25
CA TYR C 50 11.39 -8.61 19.83
C TYR C 50 11.69 -7.33 19.06
N LEU C 51 11.49 -7.31 17.74
CA LEU C 51 11.66 -6.04 17.01
C LEU C 51 10.64 -5.00 17.46
N LYS C 52 9.38 -5.41 17.70
CA LYS C 52 8.41 -4.44 18.19
C LYS C 52 8.84 -3.91 19.54
N MET C 53 9.44 -4.75 20.35
CA MET C 53 9.88 -4.36 21.69
C MET C 53 11.22 -3.64 21.66
N GLN C 54 11.84 -3.43 20.49
CA GLN C 54 13.16 -2.79 20.39
C GLN C 54 14.24 -3.58 21.14
N GLN C 55 14.07 -4.89 21.25
CA GLN C 55 15.10 -5.76 21.79
C GLN C 55 15.90 -6.38 20.65
N HIS C 56 16.89 -5.61 20.16
CA HIS C 56 17.54 -6.00 18.89
C HIS C 56 18.46 -7.20 19.05
N GLU C 57 19.11 -7.35 20.20
CA GLU C 57 20.04 -8.46 20.35
C GLU C 57 19.29 -9.80 20.34
N GLN C 58 18.12 -9.85 21.00
CA GLN C 58 17.29 -11.05 20.96
C GLN C 58 16.73 -11.29 19.57
N ALA C 59 16.27 -10.23 18.90
CA ALA C 59 15.72 -10.39 17.55
C ALA C 59 16.80 -10.92 16.61
N LEU C 60 18.01 -10.38 16.73
CA LEU C 60 19.11 -10.79 15.85
C LEU C 60 19.43 -12.26 16.03
N ALA C 61 19.50 -12.70 17.28
CA ALA C 61 19.78 -14.11 17.52
C ALA C 61 18.69 -15.02 16.95
N ASP C 62 17.43 -14.61 17.06
CA ASP C 62 16.37 -15.46 16.52
C ASP C 62 16.40 -15.48 14.99
N CYS C 63 16.66 -14.34 14.35
CA CYS C 63 16.77 -14.34 12.89
C CYS C 63 17.92 -15.20 12.42
N ARG C 64 19.05 -15.15 13.13
CA ARG C 64 20.20 -15.96 12.73
C ARG C 64 19.87 -17.43 12.86
N ARG C 65 19.19 -17.82 13.95
CA ARG C 65 18.83 -19.21 14.13
C ARG C 65 17.82 -19.67 13.08
N ALA C 66 16.86 -18.82 12.72
CA ALA C 66 15.95 -19.18 11.64
C ALA C 66 16.73 -19.47 10.34
N LEU C 67 17.74 -18.67 10.03
CA LEU C 67 18.49 -18.89 8.81
C LEU C 67 19.32 -20.16 8.89
N GLU C 68 19.82 -20.52 10.07
CA GLU C 68 20.46 -21.84 10.19
C GLU C 68 19.50 -22.96 9.83
N LEU C 69 18.26 -22.86 10.30
CA LEU C 69 17.26 -23.88 10.07
C LEU C 69 16.77 -23.89 8.63
N ASP C 70 16.75 -22.70 7.97
CA ASP C 70 16.18 -22.60 6.62
C ASP C 70 16.99 -21.53 5.88
N GLY C 71 18.07 -21.97 5.25
CA GLY C 71 18.98 -21.05 4.60
C GLY C 71 18.40 -20.34 3.40
N GLN C 72 17.26 -20.80 2.91
CA GLN C 72 16.58 -20.18 1.77
C GLN C 72 15.36 -19.36 2.19
N SER C 73 15.20 -19.03 3.48
CA SER C 73 13.98 -18.36 3.95
C SER C 73 14.03 -16.88 3.57
N VAL C 74 13.05 -16.42 2.79
CA VAL C 74 12.94 -14.99 2.52
C VAL C 74 12.73 -14.23 3.83
N LYS C 75 11.82 -14.74 4.68
CA LYS C 75 11.42 -14.00 5.87
C LYS C 75 12.59 -13.86 6.82
N ALA C 76 13.40 -14.92 6.96
CA ALA C 76 14.52 -14.81 7.90
C ALA C 76 15.56 -13.81 7.38
N HIS C 77 15.85 -13.81 6.07
CA HIS C 77 16.74 -12.80 5.51
C HIS C 77 16.18 -11.39 5.69
N PHE C 78 14.88 -11.22 5.50
CA PHE C 78 14.28 -9.90 5.56
C PHE C 78 14.34 -9.33 6.97
N PHE C 79 13.92 -10.12 7.96
CA PHE C 79 13.90 -9.58 9.32
C PHE C 79 15.32 -9.50 9.90
N LEU C 80 16.24 -10.36 9.45
CA LEU C 80 17.63 -10.19 9.84
C LEU C 80 18.15 -8.87 9.31
N GLY C 81 17.82 -8.58 8.05
CA GLY C 81 18.14 -7.29 7.44
C GLY C 81 17.60 -6.15 8.24
N GLN C 82 16.32 -6.23 8.63
CA GLN C 82 15.74 -5.09 9.36
C GLN C 82 16.44 -4.92 10.68
N CYS C 83 16.76 -6.03 11.35
N CYS C 83 16.67 -6.04 11.40
CA CYS C 83 17.39 -5.92 12.66
CA CYS C 83 17.42 -6.02 12.65
C CYS C 83 18.80 -5.34 12.55
C CYS C 83 18.74 -5.27 12.47
N GLN C 84 19.55 -5.78 11.53
CA GLN C 84 20.86 -5.20 11.25
C GLN C 84 20.75 -3.72 10.91
N LEU C 85 19.72 -3.33 10.14
CA LEU C 85 19.53 -1.92 9.81
C LEU C 85 19.32 -1.09 11.06
N GLU C 86 18.50 -1.58 11.98
CA GLU C 86 18.22 -0.84 13.21
C GLU C 86 19.43 -0.79 14.15
N MET C 87 20.34 -1.74 14.04
CA MET C 87 21.62 -1.76 14.74
C MET C 87 22.74 -1.03 13.99
N GLU C 88 22.42 -0.38 12.87
CA GLU C 88 23.39 0.38 12.03
C GLU C 88 24.47 -0.50 11.41
N SER C 89 24.18 -1.80 11.24
N SER C 89 24.20 -1.80 11.28
CA SER C 89 25.02 -2.69 10.46
CA SER C 89 25.04 -2.66 10.47
C SER C 89 24.55 -2.65 9.01
C SER C 89 24.48 -2.61 9.06
N TYR C 90 24.79 -1.50 8.38
CA TYR C 90 24.10 -1.13 7.15
C TYR C 90 24.48 -2.02 5.96
N ASP C 91 25.77 -2.27 5.76
CA ASP C 91 26.15 -3.09 4.61
C ASP C 91 25.63 -4.53 4.73
N GLU C 92 25.71 -5.12 5.93
CA GLU C 92 25.11 -6.43 6.16
C GLU C 92 23.61 -6.41 5.93
N ALA C 93 22.95 -5.37 6.40
CA ALA C 93 21.50 -5.32 6.24
C ALA C 93 21.10 -5.30 4.77
N ILE C 94 21.78 -4.46 3.99
CA ILE C 94 21.45 -4.37 2.57
C ILE C 94 21.70 -5.71 1.87
N ALA C 95 22.79 -6.39 2.23
CA ALA C 95 23.11 -7.63 1.55
C ALA C 95 22.04 -8.69 1.86
N ASN C 96 21.56 -8.71 3.11
CA ASN C 96 20.49 -9.69 3.44
C ASN C 96 19.18 -9.32 2.81
N LEU C 97 18.90 -8.01 2.66
CA LEU C 97 17.69 -7.62 1.97
C LEU C 97 17.78 -7.93 0.49
N GLN C 98 18.97 -7.77 -0.11
CA GLN C 98 19.16 -8.21 -1.48
C GLN C 98 18.96 -9.71 -1.63
N ARG C 99 19.44 -10.50 -0.66
N ARG C 99 19.47 -10.49 -0.66
CA ARG C 99 19.24 -11.95 -0.76
CA ARG C 99 19.25 -11.94 -0.71
C ARG C 99 17.76 -12.31 -0.60
C ARG C 99 17.77 -12.29 -0.60
N ALA C 100 17.04 -11.60 0.27
CA ALA C 100 15.60 -11.86 0.40
C ALA C 100 14.93 -11.63 -0.95
N TYR C 101 15.30 -10.54 -1.64
CA TYR C 101 14.72 -10.27 -2.96
C TYR C 101 14.99 -11.40 -3.94
N SER C 102 16.26 -11.85 -4.04
N SER C 102 16.26 -11.83 -4.02
CA SER C 102 16.62 -12.89 -4.99
CA SER C 102 16.66 -12.88 -4.96
C SER C 102 15.89 -14.20 -4.67
C SER C 102 15.93 -14.18 -4.66
N LEU C 103 15.82 -14.54 -3.38
CA LEU C 103 15.16 -15.78 -3.00
C LEU C 103 13.67 -15.72 -3.31
N ALA C 104 13.03 -14.57 -3.05
CA ALA C 104 11.60 -14.43 -3.37
C ALA C 104 11.36 -14.64 -4.86
N LYS C 105 12.25 -14.11 -5.72
CA LYS C 105 12.09 -14.34 -7.15
C LYS C 105 12.28 -15.81 -7.50
N GLU C 106 13.30 -16.46 -6.92
CA GLU C 106 13.54 -17.88 -7.19
C GLU C 106 12.34 -18.73 -6.81
N GLN C 107 11.63 -18.34 -5.74
CA GLN C 107 10.54 -19.16 -5.19
C GLN C 107 9.18 -18.74 -5.71
N ARG C 108 9.14 -17.70 -6.54
CA ARG C 108 7.90 -17.19 -7.10
C ARG C 108 7.01 -16.67 -6.00
N LEU C 109 7.64 -16.08 -4.97
CA LEU C 109 6.90 -15.44 -3.90
C LEU C 109 6.81 -13.96 -4.19
N ASN C 110 5.60 -13.44 -4.01
CA ASN C 110 5.31 -12.03 -4.17
C ASN C 110 5.08 -11.43 -2.78
N PHE C 111 5.79 -10.36 -2.48
CA PHE C 111 5.63 -9.59 -1.26
C PHE C 111 5.40 -8.13 -1.62
N GLY C 112 4.67 -7.91 -2.71
CA GLY C 112 4.35 -6.53 -3.09
C GLY C 112 5.61 -5.75 -3.33
N ASP C 113 5.64 -4.53 -2.79
CA ASP C 113 6.85 -3.69 -2.90
C ASP C 113 7.66 -3.69 -1.61
N ASP C 114 7.42 -4.68 -0.73
CA ASP C 114 8.04 -4.68 0.59
C ASP C 114 9.57 -4.68 0.48
N ILE C 115 10.13 -5.60 -0.30
CA ILE C 115 11.59 -5.73 -0.33
C ILE C 115 12.24 -4.55 -1.06
N PRO C 116 11.74 -4.12 -2.23
CA PRO C 116 12.33 -2.89 -2.82
C PRO C 116 12.22 -1.68 -1.92
N SER C 117 11.08 -1.50 -1.24
CA SER C 117 10.95 -0.41 -0.27
C SER C 117 11.96 -0.55 0.86
N ALA C 118 12.12 -1.75 1.40
CA ALA C 118 13.08 -1.96 2.45
C ALA C 118 14.48 -1.58 1.97
N LEU C 119 14.81 -1.95 0.73
CA LEU C 119 16.11 -1.64 0.17
C LEU C 119 16.35 -0.15 0.00
N ARG C 120 15.35 0.56 -0.51
CA ARG C 120 15.50 2.00 -0.69
C ARG C 120 15.68 2.70 0.66
N ILE C 121 15.02 2.26 1.66
N ILE C 121 14.98 2.28 1.64
CA ILE C 121 15.18 2.95 2.94
CA ILE C 121 15.11 2.86 2.97
C ILE C 121 16.49 2.54 3.62
C ILE C 121 16.48 2.56 3.56
N ALA C 122 16.95 1.29 3.43
CA ALA C 122 18.23 0.94 4.03
C ALA C 122 19.37 1.71 3.36
N LYS C 123 19.30 1.89 2.04
CA LYS C 123 20.34 2.65 1.35
C LYS C 123 20.32 4.14 1.71
N LYS C 124 19.13 4.71 1.88
CA LYS C 124 19.03 6.12 2.28
C LYS C 124 19.53 6.31 3.71
N LYS C 125 19.19 5.38 4.61
CA LYS C 125 19.64 5.50 5.99
C LYS C 125 21.14 5.31 6.10
N ARG C 126 21.70 4.40 5.31
CA ARG C 126 23.13 4.20 5.26
C ARG C 126 23.81 5.46 4.79
N TRP C 127 23.33 6.02 3.67
CA TRP C 127 23.97 7.24 3.20
C TRP C 127 23.82 8.37 4.22
N ASN C 128 22.63 8.49 4.85
CA ASN C 128 22.48 9.55 5.84
C ASN C 128 23.45 9.37 6.99
N SER C 129 23.66 8.14 7.43
N SER C 129 23.67 8.13 7.44
CA SER C 129 24.59 7.90 8.53
CA SER C 129 24.59 7.90 8.54
C SER C 129 25.99 8.35 8.18
C SER C 129 26.01 8.33 8.18
N ILE C 130 26.43 8.08 6.95
CA ILE C 130 27.78 8.48 6.54
C ILE C 130 27.89 9.99 6.51
N GLU C 131 26.87 10.66 6.02
CA GLU C 131 26.85 12.13 5.97
C GLU C 131 26.86 12.72 7.39
N GLU C 132 26.09 12.15 8.32
CA GLU C 132 26.05 12.65 9.70
C GLU C 132 27.39 12.46 10.42
N ARG C 133 28.15 11.41 10.06
CA ARG C 133 29.42 11.13 10.72
C ARG C 133 30.51 12.12 10.32
N ARG C 134 30.30 12.86 9.26
CA ARG C 134 31.37 13.62 8.62
C ARG C 134 31.81 14.84 9.44
#